data_4MP2
#
_entry.id   4MP2
#
_cell.length_a   110.323
_cell.length_b   110.323
_cell.length_c   229.523
_cell.angle_alpha   90.00
_cell.angle_beta   90.00
_cell.angle_gamma   90.00
#
_symmetry.space_group_name_H-M   'I 41 2 2'
#
loop_
_entity.id
_entity.type
_entity.pdbx_description
1 polymer '[Pyruvate dehydrogenase [lipoamide]] kinase isozyme 2, mitochondrial'
2 non-polymer (5-bromo-2,4-dihydroxyphenyl)(1,3-dihydro-2H-isoindol-2-yl)methanone
3 non-polymer 'L(+)-TARTARIC ACID'
4 water water
#
_entity_poly.entity_id   1
_entity_poly.type   'polypeptide(L)'
_entity_poly.pdbx_seq_one_letter_code
;SKNASLAGAPKYIEHFSKFSPSPLSMKQFLDFGSSNACEKTSFTFLRQELPVRLANIMKEINLLPDRVLSTPSVQLVQSW
YVQSLLDIMEFLDKDPEDHRTLSQFTDALVTIRNRHNDVVPTMAQGVLEYKDTYGDDPVSNQNIQYFLDRFYLSRISIRM
LINQHTLIFDGSTNPAHPKHIGSIDPNCNVSEVVKDAYDMAKLLCDKYYMASPDLEIQEINAANSKQPIHMVYVPSHLYH
MLFELFKNAMRATVESHESSLILPPIKVMVALGEEDLSIKMSDRGGGVPLRKIERLFSYMYSTAPTPQPGTGGTPLAGFG
YGLPISRLYAKYFQGDLQLFSMEGFGTDAVIYLKALSTDSVERLPVYNKSAWRHYQTIQEAGDWCVPSTEPKNTSTYRVS
;
_entity_poly.pdbx_strand_id   A
#
loop_
_chem_comp.id
_chem_comp.type
_chem_comp.name
_chem_comp.formula
PV1 non-polymer (5-bromo-2,4-dihydroxyphenyl)(1,3-dihydro-2H-isoindol-2-yl)methanone 'C15 H12 Br N O3'
TLA non-polymer 'L(+)-TARTARIC ACID' 'C4 H6 O6'
#
# COMPACT_ATOMS: atom_id res chain seq x y z
N SER A 5 -15.20 -19.92 25.35
CA SER A 5 -15.67 -19.84 23.97
C SER A 5 -16.01 -18.40 23.59
N LEU A 6 -16.15 -18.15 22.30
CA LEU A 6 -16.34 -16.79 21.81
C LEU A 6 -17.77 -16.50 21.41
N ALA A 7 -18.14 -15.22 21.42
CA ALA A 7 -19.41 -14.78 20.86
C ALA A 7 -19.37 -14.95 19.34
N GLY A 8 -20.54 -14.89 18.71
CA GLY A 8 -20.61 -14.89 17.26
C GLY A 8 -19.90 -13.68 16.69
N ALA A 9 -19.25 -13.84 15.55
CA ALA A 9 -18.44 -12.76 15.01
C ALA A 9 -19.18 -11.42 14.84
N PRO A 10 -20.45 -11.44 14.40
CA PRO A 10 -21.12 -10.15 14.20
C PRO A 10 -21.22 -9.31 15.45
N LYS A 11 -21.28 -9.95 16.61
CA LYS A 11 -21.35 -9.19 17.84
C LYS A 11 -20.05 -8.42 18.03
N TYR A 12 -18.91 -9.06 17.73
CA TYR A 12 -17.63 -8.38 17.83
C TYR A 12 -17.49 -7.30 16.76
N ILE A 13 -17.93 -7.61 15.55
CA ILE A 13 -17.81 -6.65 14.45
C ILE A 13 -18.56 -5.35 14.78
N GLU A 14 -19.78 -5.49 15.30
CA GLU A 14 -20.58 -4.32 15.65
C GLU A 14 -19.94 -3.53 16.77
N HIS A 15 -19.41 -4.24 17.76
CA HIS A 15 -18.75 -3.57 18.88
C HIS A 15 -17.55 -2.75 18.41
N PHE A 16 -16.66 -3.38 17.66
CA PHE A 16 -15.41 -2.73 17.31
C PHE A 16 -15.53 -1.72 16.19
N SER A 17 -16.55 -1.86 15.37
CA SER A 17 -16.71 -0.92 14.25
C SER A 17 -17.20 0.45 14.74
N LYS A 18 -17.57 0.55 16.02
CA LYS A 18 -18.00 1.83 16.57
C LYS A 18 -16.82 2.76 16.82
N PHE A 19 -15.63 2.18 16.98
CA PHE A 19 -14.41 2.96 17.20
C PHE A 19 -13.80 3.38 15.88
N SER A 20 -13.05 4.48 15.90
N SER A 20 -13.03 4.46 15.91
CA SER A 20 -12.27 4.85 14.72
CA SER A 20 -12.26 4.85 14.74
C SER A 20 -10.86 4.27 14.87
C SER A 20 -10.84 4.31 14.87
N PRO A 21 -10.26 3.84 13.76
CA PRO A 21 -8.84 3.46 13.80
C PRO A 21 -8.01 4.63 14.35
N SER A 22 -6.90 4.33 15.00
N SER A 22 -6.89 4.32 14.97
CA SER A 22 -6.03 5.36 15.54
CA SER A 22 -6.02 5.35 15.55
C SER A 22 -4.75 5.42 14.72
C SER A 22 -4.73 5.43 14.74
N PRO A 23 -4.59 6.48 13.91
CA PRO A 23 -3.40 6.60 13.04
C PRO A 23 -2.15 6.93 13.84
N LEU A 24 -1.05 6.26 13.53
CA LEU A 24 0.22 6.50 14.20
C LEU A 24 1.16 7.21 13.23
N SER A 25 2.05 8.04 13.76
CA SER A 25 3.05 8.66 12.89
C SER A 25 4.28 7.76 12.81
N MET A 26 5.06 7.95 11.77
CA MET A 26 6.32 7.26 11.62
C MET A 26 7.19 7.44 12.86
N LYS A 27 7.13 8.64 13.43
CA LYS A 27 7.90 8.95 14.63
C LYS A 27 7.43 8.12 15.82
N GLN A 28 6.11 7.97 15.96
CA GLN A 28 5.55 7.13 17.03
C GLN A 28 5.96 5.67 16.87
N PHE A 29 5.88 5.16 15.64
CA PHE A 29 6.34 3.80 15.35
C PHE A 29 7.81 3.67 15.76
N LEU A 30 8.58 4.68 15.40
CA LEU A 30 10.03 4.67 15.59
C LEU A 30 10.39 4.72 17.07
N ASP A 31 9.61 5.47 17.84
CA ASP A 31 9.91 5.64 19.26
C ASP A 31 9.32 4.52 20.12
N PHE A 32 8.98 3.40 19.49
CA PHE A 32 8.48 2.24 20.22
C PHE A 32 9.62 1.30 20.61
N GLY A 33 9.70 0.96 21.89
CA GLY A 33 10.79 0.15 22.42
C GLY A 33 10.58 -1.36 22.35
N SER A 34 11.61 -2.10 22.76
CA SER A 34 11.61 -3.56 22.65
C SER A 34 11.65 -4.28 24.00
N SER A 35 11.43 -3.54 25.07
CA SER A 35 11.49 -4.13 26.42
C SER A 35 10.23 -4.95 26.72
N ASN A 36 10.20 -5.55 27.90
CA ASN A 36 9.02 -6.29 28.34
C ASN A 36 7.84 -5.34 28.58
N ALA A 37 8.13 -4.20 29.18
CA ALA A 37 7.11 -3.19 29.44
C ALA A 37 6.54 -2.70 28.12
N CYS A 38 7.40 -2.61 27.11
CA CYS A 38 6.98 -2.17 25.79
C CYS A 38 6.16 -3.25 25.09
N GLU A 39 6.54 -4.51 25.25
CA GLU A 39 5.81 -5.59 24.59
C GLU A 39 4.41 -5.73 25.18
N LYS A 40 4.28 -5.55 26.48
CA LYS A 40 2.96 -5.57 27.10
C LYS A 40 2.09 -4.41 26.59
N THR A 41 2.70 -3.24 26.44
CA THR A 41 2.01 -2.07 25.90
C THR A 41 1.58 -2.30 24.46
N SER A 42 2.45 -2.90 23.67
CA SER A 42 2.13 -3.24 22.29
C SER A 42 0.96 -4.21 22.28
N PHE A 43 1.01 -5.20 23.16
CA PHE A 43 -0.06 -6.19 23.24
C PHE A 43 -1.40 -5.54 23.60
N THR A 44 -1.42 -4.73 24.65
CA THR A 44 -2.67 -4.13 25.09
C THR A 44 -3.20 -3.14 24.05
N PHE A 45 -2.29 -2.51 23.31
CA PHE A 45 -2.68 -1.64 22.20
C PHE A 45 -3.26 -2.45 21.04
N LEU A 46 -2.54 -3.47 20.59
CA LEU A 46 -2.98 -4.22 19.41
C LEU A 46 -4.22 -5.08 19.61
N ARG A 47 -4.47 -5.55 20.84
CA ARG A 47 -5.68 -6.35 21.06
C ARG A 47 -6.95 -5.51 21.02
N GLN A 48 -6.78 -4.18 21.06
CA GLN A 48 -7.88 -3.26 20.77
C GLN A 48 -7.79 -2.74 19.33
N GLU A 49 -6.60 -2.28 18.94
CA GLU A 49 -6.48 -1.61 17.64
C GLU A 49 -6.65 -2.53 16.44
N LEU A 50 -6.13 -3.74 16.51
CA LEU A 50 -6.32 -4.65 15.38
C LEU A 50 -7.81 -5.01 15.20
N PRO A 51 -8.51 -5.35 16.29
CA PRO A 51 -9.96 -5.57 16.09
C PRO A 51 -10.69 -4.33 15.55
N VAL A 52 -10.34 -3.13 15.99
CA VAL A 52 -10.97 -1.93 15.45
C VAL A 52 -10.73 -1.86 13.94
N ARG A 53 -9.48 -2.05 13.51
CA ARG A 53 -9.18 -1.97 12.06
C ARG A 53 -9.83 -3.08 11.26
N LEU A 54 -9.84 -4.29 11.80
CA LEU A 54 -10.53 -5.39 11.12
C LEU A 54 -12.02 -5.10 11.00
N ALA A 55 -12.65 -4.72 12.11
CA ALA A 55 -14.10 -4.49 12.10
C ALA A 55 -14.49 -3.35 11.16
N ASN A 56 -13.70 -2.28 11.14
CA ASN A 56 -14.08 -1.12 10.36
C ASN A 56 -14.18 -1.47 8.88
N ILE A 57 -13.19 -2.20 8.40
CA ILE A 57 -13.19 -2.54 6.98
C ILE A 57 -14.19 -3.68 6.66
N MET A 58 -14.38 -4.62 7.57
CA MET A 58 -15.40 -5.63 7.36
C MET A 58 -16.81 -5.03 7.19
N LYS A 59 -17.09 -3.95 7.91
CA LYS A 59 -18.38 -3.27 7.74
C LYS A 59 -18.56 -2.66 6.35
N GLU A 60 -17.45 -2.23 5.74
CA GLU A 60 -17.53 -1.67 4.39
C GLU A 60 -17.63 -2.75 3.33
N ILE A 61 -17.05 -3.92 3.59
CA ILE A 61 -17.24 -5.02 2.68
C ILE A 61 -18.73 -5.26 2.50
N ASN A 62 -19.49 -5.17 3.59
CA ASN A 62 -20.93 -5.44 3.51
C ASN A 62 -21.72 -4.43 2.69
N LEU A 63 -21.08 -3.32 2.34
CA LEU A 63 -21.75 -2.27 1.58
C LEU A 63 -21.58 -2.46 0.07
N LEU A 64 -20.69 -3.38 -0.32
CA LEU A 64 -20.48 -3.67 -1.74
C LEU A 64 -21.78 -4.15 -2.35
N PRO A 65 -21.92 -3.97 -3.68
CA PRO A 65 -23.10 -4.46 -4.40
C PRO A 65 -23.28 -5.95 -4.14
N ASP A 66 -24.52 -6.41 -4.08
CA ASP A 66 -24.76 -7.83 -3.87
C ASP A 66 -23.93 -8.65 -4.86
N ARG A 67 -23.88 -8.19 -6.11
CA ARG A 67 -23.15 -8.88 -7.17
C ARG A 67 -21.69 -9.19 -6.82
N VAL A 68 -20.98 -8.22 -6.26
CA VAL A 68 -19.58 -8.42 -5.89
C VAL A 68 -19.48 -9.26 -4.62
N LEU A 69 -20.36 -8.95 -3.67
CA LEU A 69 -20.38 -9.65 -2.40
C LEU A 69 -20.73 -11.12 -2.59
N SER A 70 -21.46 -11.46 -3.65
CA SER A 70 -21.91 -12.83 -3.84
C SER A 70 -20.81 -13.73 -4.41
N THR A 71 -19.69 -13.15 -4.84
CA THR A 71 -18.62 -13.93 -5.48
C THR A 71 -17.86 -14.80 -4.47
N PRO A 72 -17.42 -15.99 -4.90
CA PRO A 72 -16.77 -16.92 -3.98
C PRO A 72 -15.48 -16.33 -3.38
N SER A 73 -14.71 -15.61 -4.18
CA SER A 73 -13.44 -15.08 -3.70
C SER A 73 -13.60 -13.95 -2.70
N VAL A 74 -14.62 -13.10 -2.90
CA VAL A 74 -14.88 -12.06 -1.91
C VAL A 74 -15.37 -12.72 -0.62
N GLN A 75 -16.25 -13.72 -0.75
N GLN A 75 -16.25 -13.72 -0.74
CA GLN A 75 -16.72 -14.44 0.43
CA GLN A 75 -16.71 -14.44 0.45
C GLN A 75 -15.56 -15.11 1.17
C GLN A 75 -15.54 -15.10 1.19
N LEU A 76 -14.57 -15.60 0.43
CA LEU A 76 -13.41 -16.26 1.03
C LEU A 76 -12.60 -15.27 1.86
N VAL A 77 -12.32 -14.10 1.28
CA VAL A 77 -11.57 -13.06 2.00
C VAL A 77 -12.32 -12.62 3.24
N GLN A 78 -13.63 -12.40 3.12
CA GLN A 78 -14.45 -12.10 4.30
C GLN A 78 -14.24 -13.12 5.40
N SER A 79 -14.23 -14.40 5.03
CA SER A 79 -14.12 -15.47 6.02
C SER A 79 -12.76 -15.43 6.72
N TRP A 80 -11.72 -15.03 5.99
CA TRP A 80 -10.41 -14.89 6.60
C TRP A 80 -10.44 -13.77 7.63
N TYR A 81 -11.05 -12.65 7.28
CA TYR A 81 -11.13 -11.51 8.21
C TYR A 81 -11.90 -11.90 9.46
N VAL A 82 -12.98 -12.67 9.29
CA VAL A 82 -13.77 -13.12 10.43
C VAL A 82 -12.91 -13.97 11.35
N GLN A 83 -12.19 -14.94 10.79
CA GLN A 83 -11.38 -15.81 11.64
C GLN A 83 -10.26 -15.05 12.33
N SER A 84 -9.66 -14.09 11.63
CA SER A 84 -8.58 -13.31 12.23
C SER A 84 -9.09 -12.47 13.38
N LEU A 85 -10.27 -11.90 13.21
CA LEU A 85 -10.89 -11.14 14.30
C LEU A 85 -11.11 -12.04 15.50
N LEU A 86 -11.69 -13.21 15.26
CA LEU A 86 -11.94 -14.16 16.35
C LEU A 86 -10.65 -14.61 17.03
N ASP A 87 -9.60 -14.83 16.24
CA ASP A 87 -8.30 -15.19 16.84
C ASP A 87 -7.87 -14.18 17.88
N ILE A 88 -8.09 -12.89 17.60
CA ILE A 88 -7.68 -11.86 18.54
C ILE A 88 -8.63 -11.77 19.74
N MET A 89 -9.90 -12.10 19.52
CA MET A 89 -10.87 -12.07 20.61
C MET A 89 -10.50 -13.06 21.71
N GLU A 90 -9.79 -14.12 21.34
CA GLU A 90 -9.34 -15.10 22.32
C GLU A 90 -8.44 -14.45 23.38
N PHE A 91 -7.88 -13.29 23.05
CA PHE A 91 -6.96 -12.59 23.97
C PHE A 91 -7.59 -11.51 24.86
N LEU A 92 -8.89 -11.29 24.74
CA LEU A 92 -9.53 -10.19 25.48
C LEU A 92 -9.36 -10.29 27.00
N ASP A 93 -9.41 -11.50 27.52
CA ASP A 93 -9.40 -11.68 28.97
C ASP A 93 -8.07 -12.21 29.48
N LYS A 94 -7.06 -12.21 28.61
CA LYS A 94 -5.74 -12.73 28.97
C LYS A 94 -4.86 -11.68 29.66
N ASP A 95 -3.97 -12.16 30.53
CA ASP A 95 -3.13 -11.29 31.34
C ASP A 95 -1.80 -10.98 30.66
N PRO A 96 -1.52 -9.68 30.40
CA PRO A 96 -0.29 -9.27 29.71
C PRO A 96 0.95 -9.57 30.54
N GLU A 97 0.78 -9.70 31.85
CA GLU A 97 1.88 -9.99 32.76
C GLU A 97 2.37 -11.42 32.59
N ASP A 98 1.52 -12.28 32.05
CA ASP A 98 1.88 -13.66 31.77
C ASP A 98 2.67 -13.71 30.46
N HIS A 99 3.93 -14.11 30.53
CA HIS A 99 4.78 -14.13 29.35
C HIS A 99 4.23 -15.04 28.25
N ARG A 100 3.43 -16.04 28.64
CA ARG A 100 2.82 -16.96 27.68
C ARG A 100 1.74 -16.27 26.86
N THR A 101 1.07 -15.29 27.45
CA THR A 101 0.12 -14.47 26.71
C THR A 101 0.82 -13.78 25.56
N LEU A 102 1.94 -13.13 25.88
CA LEU A 102 2.72 -12.38 24.91
C LEU A 102 3.25 -13.25 23.77
N SER A 103 3.81 -14.41 24.10
CA SER A 103 4.34 -15.29 23.07
C SER A 103 3.23 -15.90 22.22
N GLN A 104 2.12 -16.25 22.86
CA GLN A 104 0.97 -16.76 22.12
C GLN A 104 0.40 -15.68 21.20
N PHE A 105 0.42 -14.44 21.67
CA PHE A 105 -0.10 -13.34 20.86
C PHE A 105 0.73 -13.17 19.60
N THR A 106 2.05 -13.21 19.74
CA THR A 106 2.93 -13.09 18.57
C THR A 106 2.69 -14.23 17.57
N ASP A 107 2.52 -15.45 18.09
CA ASP A 107 2.18 -16.61 17.25
C ASP A 107 0.87 -16.39 16.52
N ALA A 108 -0.12 -15.82 17.20
CA ALA A 108 -1.42 -15.56 16.58
C ALA A 108 -1.30 -14.53 15.45
N LEU A 109 -0.48 -13.50 15.66
CA LEU A 109 -0.30 -12.48 14.63
C LEU A 109 0.39 -13.06 13.39
N VAL A 110 1.37 -13.92 13.60
CA VAL A 110 2.03 -14.58 12.47
C VAL A 110 1.04 -15.42 11.65
N THR A 111 0.19 -16.16 12.36
CA THR A 111 -0.83 -16.97 11.71
C THR A 111 -1.81 -16.13 10.89
N ILE A 112 -2.21 -15.00 11.44
CA ILE A 112 -3.05 -14.04 10.69
C ILE A 112 -2.33 -13.52 9.45
N ARG A 113 -1.08 -13.10 9.60
CA ARG A 113 -0.35 -12.57 8.45
C ARG A 113 -0.29 -13.59 7.32
N ASN A 114 0.01 -14.84 7.66
CA ASN A 114 0.07 -15.90 6.65
C ASN A 114 -1.29 -16.19 6.04
N ARG A 115 -2.32 -16.24 6.87
CA ARG A 115 -3.66 -16.46 6.38
C ARG A 115 -4.03 -15.44 5.29
N HIS A 116 -3.56 -14.21 5.45
CA HIS A 116 -3.98 -13.12 4.58
C HIS A 116 -2.97 -12.83 3.46
N ASN A 117 -1.97 -13.69 3.33
CA ASN A 117 -0.90 -13.44 2.38
C ASN A 117 -1.40 -13.17 0.95
N ASP A 118 -2.39 -13.95 0.52
CA ASP A 118 -2.87 -13.86 -0.85
C ASP A 118 -4.12 -12.99 -1.01
N VAL A 119 -4.37 -12.08 -0.07
CA VAL A 119 -5.56 -11.24 -0.15
C VAL A 119 -5.66 -10.43 -1.45
N VAL A 120 -4.56 -9.85 -1.91
CA VAL A 120 -4.66 -8.98 -3.09
C VAL A 120 -5.13 -9.70 -4.36
N PRO A 121 -4.47 -10.82 -4.73
CA PRO A 121 -4.92 -11.56 -5.91
C PRO A 121 -6.27 -12.24 -5.72
N THR A 122 -6.61 -12.56 -4.48
CA THR A 122 -7.88 -13.22 -4.23
C THR A 122 -9.02 -12.24 -4.44
N MET A 123 -8.85 -11.02 -3.96
CA MET A 123 -9.85 -9.98 -4.24
C MET A 123 -9.96 -9.69 -5.72
N ALA A 124 -8.83 -9.71 -6.42
CA ALA A 124 -8.84 -9.48 -7.86
C ALA A 124 -9.62 -10.58 -8.58
N GLN A 125 -9.52 -11.83 -8.10
CA GLN A 125 -10.32 -12.90 -8.66
C GLN A 125 -11.81 -12.64 -8.40
N GLY A 126 -12.12 -12.06 -7.24
CA GLY A 126 -13.49 -11.69 -6.94
C GLY A 126 -14.04 -10.69 -7.95
N VAL A 127 -13.21 -9.71 -8.31
CA VAL A 127 -13.62 -8.71 -9.30
C VAL A 127 -13.86 -9.37 -10.65
N LEU A 128 -12.99 -10.30 -11.02
CA LEU A 128 -13.15 -11.04 -12.27
C LEU A 128 -14.41 -11.90 -12.27
N GLU A 129 -14.68 -12.55 -11.13
CA GLU A 129 -15.89 -13.35 -10.98
C GLU A 129 -17.15 -12.49 -11.16
N TYR A 130 -17.13 -11.28 -10.63
CA TYR A 130 -18.29 -10.39 -10.79
C TYR A 130 -18.48 -10.04 -12.27
N LYS A 131 -17.39 -9.71 -12.93
CA LYS A 131 -17.45 -9.36 -14.35
C LYS A 131 -17.90 -10.54 -15.20
N ASP A 132 -17.35 -11.73 -14.92
CA ASP A 132 -17.74 -12.94 -15.66
C ASP A 132 -19.18 -13.38 -15.42
N THR A 133 -19.62 -13.34 -14.16
CA THR A 133 -20.93 -13.83 -13.79
C THR A 133 -22.04 -12.89 -14.25
N TYR A 134 -21.85 -11.59 -14.05
CA TYR A 134 -22.95 -10.63 -14.26
C TYR A 134 -22.73 -9.66 -15.40
N GLY A 135 -21.46 -9.47 -15.80
CA GLY A 135 -21.10 -8.38 -16.67
C GLY A 135 -20.87 -7.17 -15.78
N ASP A 136 -19.97 -6.28 -16.16
CA ASP A 136 -19.74 -5.12 -15.31
C ASP A 136 -20.72 -3.98 -15.64
N ASP A 137 -20.92 -3.12 -14.66
CA ASP A 137 -21.73 -1.92 -14.85
C ASP A 137 -21.05 -0.75 -14.15
N PRO A 138 -21.28 0.46 -14.65
CA PRO A 138 -20.55 1.65 -14.19
C PRO A 138 -20.76 1.95 -12.72
N VAL A 139 -21.98 1.78 -12.21
CA VAL A 139 -22.27 2.03 -10.81
C VAL A 139 -21.47 1.10 -9.91
N SER A 140 -21.56 -0.21 -10.17
CA SER A 140 -20.79 -1.18 -9.40
C SER A 140 -19.30 -0.91 -9.54
N ASN A 141 -18.87 -0.54 -10.75
CA ASN A 141 -17.45 -0.28 -10.97
C ASN A 141 -16.92 0.88 -10.13
N GLN A 142 -17.70 1.94 -10.00
CA GLN A 142 -17.31 3.07 -9.17
C GLN A 142 -17.24 2.69 -7.69
N ASN A 143 -18.20 1.88 -7.24
CA ASN A 143 -18.18 1.39 -5.87
C ASN A 143 -16.96 0.51 -5.61
N ILE A 144 -16.66 -0.35 -6.55
CA ILE A 144 -15.50 -1.23 -6.44
C ILE A 144 -14.21 -0.42 -6.35
N GLN A 145 -14.08 0.59 -7.21
CA GLN A 145 -12.89 1.43 -7.21
C GLN A 145 -12.70 2.13 -5.85
N TYR A 146 -13.77 2.75 -5.36
CA TYR A 146 -13.75 3.42 -4.05
C TYR A 146 -13.41 2.44 -2.94
N PHE A 147 -14.10 1.30 -2.93
CA PHE A 147 -13.87 0.29 -1.90
C PHE A 147 -12.47 -0.28 -1.91
N LEU A 148 -11.96 -0.66 -3.08
CA LEU A 148 -10.68 -1.34 -3.12
C LEU A 148 -9.53 -0.44 -2.68
N ASP A 149 -9.55 0.84 -3.04
CA ASP A 149 -8.54 1.76 -2.53
C ASP A 149 -8.54 1.72 -1.00
N ARG A 150 -9.73 1.76 -0.41
CA ARG A 150 -9.82 1.79 1.05
C ARG A 150 -9.46 0.45 1.68
N PHE A 151 -9.93 -0.62 1.05
CA PHE A 151 -9.66 -1.98 1.52
C PHE A 151 -8.16 -2.28 1.49
N TYR A 152 -7.52 -1.96 0.39
CA TYR A 152 -6.09 -2.26 0.28
C TYR A 152 -5.24 -1.36 1.18
N LEU A 153 -5.64 -0.11 1.37
CA LEU A 153 -4.92 0.77 2.29
C LEU A 153 -5.11 0.28 3.73
N SER A 154 -6.33 -0.14 4.06
CA SER A 154 -6.57 -0.75 5.37
C SER A 154 -5.65 -1.95 5.60
N ARG A 155 -5.56 -2.82 4.60
CA ARG A 155 -4.72 -3.99 4.70
C ARG A 155 -3.24 -3.64 4.89
N ILE A 156 -2.76 -2.69 4.11
CA ILE A 156 -1.40 -2.17 4.30
C ILE A 156 -1.17 -1.76 5.76
N SER A 157 -2.15 -1.10 6.35
CA SER A 157 -2.00 -0.58 7.71
C SER A 157 -1.99 -1.70 8.74
N ILE A 158 -2.78 -2.74 8.48
CA ILE A 158 -2.84 -3.88 9.39
C ILE A 158 -1.54 -4.68 9.32
N ARG A 159 -1.03 -4.84 8.10
CA ARG A 159 0.24 -5.55 7.95
C ARG A 159 1.37 -4.77 8.61
N MET A 160 1.31 -3.45 8.55
CA MET A 160 2.31 -2.61 9.21
C MET A 160 2.34 -2.86 10.72
N LEU A 161 1.16 -2.84 11.34
CA LEU A 161 1.07 -3.06 12.77
C LEU A 161 1.61 -4.43 13.14
N ILE A 162 1.23 -5.45 12.37
CA ILE A 162 1.66 -6.82 12.65
C ILE A 162 3.16 -6.98 12.44
N ASN A 163 3.68 -6.51 11.31
CA ASN A 163 5.11 -6.60 11.05
C ASN A 163 5.92 -5.90 12.13
N GLN A 164 5.48 -4.72 12.57
CA GLN A 164 6.21 -4.00 13.61
C GLN A 164 6.27 -4.82 14.88
N HIS A 165 5.15 -5.41 15.27
CA HIS A 165 5.13 -6.18 16.51
C HIS A 165 6.00 -7.44 16.40
N THR A 166 5.85 -8.18 15.31
CA THR A 166 6.57 -9.45 15.17
C THR A 166 8.06 -9.25 14.96
N LEU A 167 8.44 -8.19 14.24
CA LEU A 167 9.86 -7.92 13.99
C LEU A 167 10.55 -7.41 15.26
N ILE A 168 9.88 -6.54 16.00
CA ILE A 168 10.47 -5.96 17.21
C ILE A 168 10.55 -6.97 18.35
N PHE A 169 9.50 -7.78 18.48
CA PHE A 169 9.39 -8.71 19.61
C PHE A 169 9.57 -10.18 19.20
N ASP A 170 10.25 -10.41 18.09
CA ASP A 170 10.64 -11.76 17.67
C ASP A 170 11.55 -11.72 16.45
N PRO A 175 18.44 -9.09 13.17
CA PRO A 175 19.10 -9.85 12.10
C PRO A 175 20.09 -8.98 11.33
N ALA A 176 19.88 -8.86 10.02
CA ALA A 176 20.75 -8.07 9.17
C ALA A 176 20.77 -6.61 9.61
N HIS A 177 19.59 -6.07 9.89
CA HIS A 177 19.43 -4.64 10.14
C HIS A 177 18.95 -4.33 11.56
N PRO A 178 19.88 -4.36 12.54
CA PRO A 178 19.53 -4.09 13.93
C PRO A 178 19.41 -2.60 14.22
N LYS A 179 19.64 -1.77 13.20
CA LYS A 179 19.44 -0.33 13.32
C LYS A 179 18.04 0.01 12.85
N HIS A 180 17.41 -0.95 12.17
CA HIS A 180 16.01 -0.84 11.81
C HIS A 180 15.14 -1.00 13.04
N ILE A 181 14.01 -0.31 13.07
CA ILE A 181 13.01 -0.53 14.11
C ILE A 181 11.84 -1.25 13.46
N GLY A 182 11.80 -2.57 13.65
CA GLY A 182 10.89 -3.41 12.88
C GLY A 182 11.25 -3.30 11.41
N SER A 183 10.32 -2.80 10.62
CA SER A 183 10.52 -2.64 9.18
C SER A 183 10.93 -1.22 8.81
N ILE A 184 11.20 -0.39 9.82
CA ILE A 184 11.49 1.02 9.58
C ILE A 184 12.98 1.30 9.61
N ASP A 185 13.48 1.99 8.59
CA ASP A 185 14.87 2.42 8.57
C ASP A 185 14.91 3.91 8.92
N PRO A 186 15.49 4.25 10.08
CA PRO A 186 15.54 5.67 10.48
C PRO A 186 16.50 6.49 9.64
N ASN A 187 17.32 5.80 8.84
CA ASN A 187 18.28 6.49 7.97
C ASN A 187 18.31 5.87 6.58
N CYS A 188 17.14 5.83 5.94
CA CYS A 188 17.02 5.24 4.62
C CYS A 188 17.66 6.14 3.57
N ASN A 189 18.69 5.62 2.90
CA ASN A 189 19.36 6.34 1.82
C ASN A 189 18.52 6.14 0.56
N VAL A 190 17.83 7.19 0.15
CA VAL A 190 16.86 7.08 -0.93
C VAL A 190 17.48 6.63 -2.24
N SER A 191 18.65 7.18 -2.59
CA SER A 191 19.30 6.78 -3.84
C SER A 191 19.70 5.32 -3.84
N GLU A 192 20.06 4.78 -2.68
CA GLU A 192 20.41 3.36 -2.62
C GLU A 192 19.19 2.49 -2.92
N VAL A 193 18.02 2.89 -2.42
CA VAL A 193 16.79 2.17 -2.75
C VAL A 193 16.44 2.30 -4.23
N VAL A 194 16.61 3.50 -4.78
CA VAL A 194 16.42 3.70 -6.22
C VAL A 194 17.30 2.72 -7.01
N LYS A 195 18.57 2.62 -6.63
CA LYS A 195 19.51 1.74 -7.34
C LYS A 195 19.11 0.27 -7.21
N ASP A 196 18.67 -0.13 -6.03
CA ASP A 196 18.24 -1.52 -5.84
C ASP A 196 17.06 -1.87 -6.73
N ALA A 197 16.09 -0.96 -6.82
CA ALA A 197 14.91 -1.21 -7.65
C ALA A 197 15.29 -1.22 -9.12
N TYR A 198 16.16 -0.30 -9.52
CA TYR A 198 16.64 -0.28 -10.89
C TYR A 198 17.33 -1.60 -11.23
N ASP A 199 18.21 -2.07 -10.35
CA ASP A 199 18.98 -3.29 -10.62
C ASP A 199 18.05 -4.47 -10.88
N MET A 200 17.02 -4.56 -10.06
CA MET A 200 16.09 -5.69 -10.16
C MET A 200 15.23 -5.60 -11.42
N ALA A 201 14.80 -4.39 -11.74
CA ALA A 201 14.05 -4.16 -12.98
C ALA A 201 14.91 -4.42 -14.21
N LYS A 202 16.19 -4.04 -14.14
CA LYS A 202 17.12 -4.29 -15.26
C LYS A 202 17.30 -5.77 -15.53
N LEU A 203 17.35 -6.58 -14.48
CA LEU A 203 17.47 -8.03 -14.67
C LEU A 203 16.30 -8.53 -15.52
N LEU A 204 15.10 -8.04 -15.22
N LEU A 204 15.09 -8.05 -15.22
CA LEU A 204 13.90 -8.46 -15.92
CA LEU A 204 13.90 -8.48 -15.94
C LEU A 204 13.89 -7.97 -17.37
C LEU A 204 13.88 -7.97 -17.38
N CYS A 205 14.24 -6.70 -17.56
CA CYS A 205 14.26 -6.11 -18.90
C CYS A 205 15.30 -6.80 -19.76
N ASP A 206 16.49 -6.98 -19.22
CA ASP A 206 17.55 -7.69 -19.94
C ASP A 206 17.11 -9.09 -20.35
N LYS A 207 16.37 -9.78 -19.47
CA LYS A 207 15.95 -11.15 -19.77
C LYS A 207 15.07 -11.17 -21.01
N TYR A 208 14.09 -10.25 -21.07
CA TYR A 208 13.14 -10.27 -22.18
C TYR A 208 13.55 -9.51 -23.43
N TYR A 209 14.32 -8.45 -23.27
CA TYR A 209 14.69 -7.61 -24.42
C TYR A 209 16.17 -7.60 -24.76
N MET A 210 16.96 -8.27 -23.93
CA MET A 210 18.43 -8.36 -24.14
C MET A 210 19.08 -6.98 -24.11
N ALA A 211 18.37 -6.01 -23.53
CA ALA A 211 18.89 -4.65 -23.42
C ALA A 211 18.04 -3.91 -22.39
N SER A 212 18.58 -2.84 -21.84
CA SER A 212 17.80 -2.00 -20.94
C SER A 212 18.40 -0.61 -20.88
N PRO A 213 17.57 0.40 -20.57
CA PRO A 213 18.13 1.75 -20.48
C PRO A 213 19.04 1.88 -19.27
N ASP A 214 20.03 2.77 -19.35
CA ASP A 214 20.86 3.07 -18.19
C ASP A 214 20.09 3.92 -17.20
N LEU A 215 20.66 4.06 -16.00
CA LEU A 215 20.07 4.90 -14.96
C LEU A 215 20.96 6.13 -14.74
N GLU A 216 20.33 7.30 -14.60
CA GLU A 216 21.05 8.49 -14.15
C GLU A 216 20.30 9.04 -12.96
N ILE A 217 20.99 9.24 -11.84
CA ILE A 217 20.36 9.83 -10.66
C ILE A 217 20.97 11.18 -10.36
N GLN A 218 20.12 12.14 -10.03
CA GLN A 218 20.55 13.45 -9.59
C GLN A 218 19.85 13.74 -8.27
N GLU A 219 20.58 14.23 -7.28
CA GLU A 219 19.96 14.65 -6.02
C GLU A 219 20.00 16.16 -5.90
N ILE A 220 18.92 16.71 -5.38
CA ILE A 220 18.83 18.13 -5.08
C ILE A 220 18.48 18.24 -3.61
N ASN A 221 19.48 18.46 -2.76
CA ASN A 221 19.23 18.63 -1.34
C ASN A 221 19.17 20.13 -1.09
N ALA A 222 17.96 20.69 -1.08
CA ALA A 222 17.83 22.14 -1.17
C ALA A 222 18.56 22.89 -0.06
N ALA A 223 18.41 22.40 1.17
CA ALA A 223 18.96 23.09 2.34
C ALA A 223 20.44 22.76 2.63
N ASN A 224 20.89 21.63 2.10
CA ASN A 224 22.27 21.17 2.33
C ASN A 224 22.83 20.47 1.10
N SER A 225 23.27 21.25 0.12
CA SER A 225 23.55 20.75 -1.23
C SER A 225 24.54 19.59 -1.31
N LYS A 226 25.48 19.50 -0.37
CA LYS A 226 26.47 18.42 -0.41
C LYS A 226 25.91 17.08 0.10
N GLN A 227 24.96 17.14 1.02
CA GLN A 227 24.58 15.98 1.82
C GLN A 227 23.68 14.97 1.11
N PRO A 228 24.08 13.69 1.12
CA PRO A 228 23.25 12.63 0.56
C PRO A 228 21.88 12.65 1.23
N ILE A 229 20.83 12.34 0.47
CA ILE A 229 19.49 12.47 0.99
C ILE A 229 19.01 11.22 1.71
N HIS A 230 18.65 11.38 2.98
N HIS A 230 18.64 11.37 2.97
CA HIS A 230 18.14 10.29 3.80
CA HIS A 230 18.08 10.24 3.71
C HIS A 230 16.76 10.63 4.38
C HIS A 230 16.79 10.62 4.41
N MET A 231 16.03 9.61 4.83
CA MET A 231 14.73 9.83 5.46
C MET A 231 14.38 8.67 6.38
N VAL A 232 13.38 8.87 7.22
CA VAL A 232 12.80 7.77 7.96
C VAL A 232 11.70 7.17 7.10
N TYR A 233 11.85 5.90 6.74
CA TYR A 233 10.85 5.23 5.90
C TYR A 233 10.95 3.71 5.96
N VAL A 234 9.94 3.02 5.45
CA VAL A 234 9.97 1.58 5.32
C VAL A 234 10.55 1.24 3.95
N PRO A 235 11.82 0.80 3.88
CA PRO A 235 12.45 0.74 2.56
C PRO A 235 11.73 -0.20 1.59
N SER A 236 11.16 -1.29 2.11
CA SER A 236 10.44 -2.22 1.25
C SER A 236 9.28 -1.57 0.51
N HIS A 237 8.60 -0.61 1.15
CA HIS A 237 7.49 0.07 0.48
C HIS A 237 8.03 0.97 -0.62
N LEU A 238 9.11 1.69 -0.33
CA LEU A 238 9.72 2.56 -1.33
C LEU A 238 10.25 1.74 -2.50
N TYR A 239 10.90 0.62 -2.19
CA TYR A 239 11.37 -0.30 -3.21
C TYR A 239 10.22 -0.75 -4.10
N HIS A 240 9.11 -1.15 -3.49
N HIS A 240 9.11 -1.15 -3.48
CA HIS A 240 7.96 -1.63 -4.26
CA HIS A 240 7.93 -1.61 -4.22
C HIS A 240 7.50 -0.61 -5.30
C HIS A 240 7.50 -0.61 -5.29
N MET A 241 7.36 0.64 -4.88
CA MET A 241 6.90 1.69 -5.77
C MET A 241 7.91 1.90 -6.91
N LEU A 242 9.19 2.02 -6.56
CA LEU A 242 10.21 2.28 -7.59
C LEU A 242 10.35 1.13 -8.58
N PHE A 243 10.26 -0.10 -8.07
CA PHE A 243 10.39 -1.28 -8.93
C PHE A 243 9.27 -1.30 -9.98
N GLU A 244 8.04 -1.05 -9.53
CA GLU A 244 6.93 -0.98 -10.47
C GLU A 244 7.17 0.11 -11.52
N LEU A 245 7.58 1.29 -11.07
CA LEU A 245 7.80 2.39 -12.01
C LEU A 245 8.94 2.11 -13.00
N PHE A 246 10.02 1.51 -12.51
CA PHE A 246 11.14 1.20 -13.40
C PHE A 246 10.71 0.16 -14.45
N LYS A 247 9.93 -0.84 -14.04
CA LYS A 247 9.52 -1.86 -15.01
C LYS A 247 8.73 -1.19 -16.14
N ASN A 248 7.81 -0.31 -15.79
CA ASN A 248 7.03 0.39 -16.81
C ASN A 248 7.89 1.27 -17.70
N ALA A 249 8.79 2.04 -17.08
CA ALA A 249 9.63 2.96 -17.82
C ALA A 249 10.57 2.21 -18.75
N MET A 250 11.10 1.08 -18.28
CA MET A 250 12.01 0.30 -19.13
C MET A 250 11.31 -0.33 -20.31
N ARG A 251 10.17 -0.95 -20.05
CA ARG A 251 9.37 -1.55 -21.11
C ARG A 251 9.02 -0.51 -22.17
N ALA A 252 8.54 0.66 -21.75
CA ALA A 252 8.16 1.70 -22.70
C ALA A 252 9.36 2.12 -23.54
N THR A 253 10.51 2.26 -22.89
CA THR A 253 11.70 2.75 -23.57
C THR A 253 12.15 1.75 -24.64
N VAL A 254 12.23 0.47 -24.26
N VAL A 254 12.23 0.47 -24.26
CA VAL A 254 12.70 -0.51 -25.24
CA VAL A 254 12.69 -0.51 -25.23
C VAL A 254 11.68 -0.70 -26.37
C VAL A 254 11.68 -0.67 -26.36
N GLU A 255 10.40 -0.71 -26.02
CA GLU A 255 9.37 -0.94 -27.02
C GLU A 255 9.15 0.20 -28.02
N SER A 256 9.48 1.42 -27.60
CA SER A 256 9.39 2.57 -28.50
C SER A 256 10.67 2.79 -29.29
N HIS A 257 11.66 1.93 -29.08
CA HIS A 257 12.96 2.10 -29.75
C HIS A 257 13.40 0.81 -30.44
N GLU A 258 12.45 0.05 -30.96
CA GLU A 258 12.74 -1.22 -31.64
C GLU A 258 13.83 -1.11 -32.72
N SER A 259 13.90 0.03 -33.41
CA SER A 259 14.88 0.19 -34.48
C SER A 259 16.28 0.49 -33.93
N SER A 260 16.33 0.98 -32.70
CA SER A 260 17.54 1.58 -32.17
C SER A 260 18.41 0.64 -31.33
N LEU A 261 19.72 0.88 -31.38
CA LEU A 261 20.66 0.18 -30.51
C LEU A 261 20.98 1.06 -29.31
N ILE A 262 20.73 2.36 -29.46
CA ILE A 262 21.01 3.33 -28.41
C ILE A 262 19.69 3.63 -27.70
N LEU A 263 19.62 3.36 -26.40
CA LEU A 263 18.39 3.60 -25.64
C LEU A 263 18.58 4.84 -24.78
N PRO A 264 17.58 5.72 -24.76
CA PRO A 264 17.68 6.84 -23.81
C PRO A 264 17.62 6.34 -22.36
N PRO A 265 18.38 6.98 -21.46
CA PRO A 265 18.39 6.48 -20.09
C PRO A 265 17.11 6.86 -19.39
N ILE A 266 16.86 6.21 -18.26
CA ILE A 266 15.82 6.66 -17.33
C ILE A 266 16.49 7.59 -16.33
N LYS A 267 15.96 8.81 -16.22
CA LYS A 267 16.55 9.79 -15.32
C LYS A 267 15.73 9.92 -14.07
N VAL A 268 16.39 9.82 -12.92
CA VAL A 268 15.69 9.98 -11.64
C VAL A 268 16.24 11.19 -10.91
N MET A 269 15.35 12.07 -10.44
CA MET A 269 15.77 13.15 -9.58
C MET A 269 15.19 12.91 -8.20
N VAL A 270 16.04 13.03 -7.19
CA VAL A 270 15.58 12.94 -5.81
C VAL A 270 15.74 14.34 -5.21
N ALA A 271 14.63 14.98 -4.87
CA ALA A 271 14.68 16.33 -4.30
C ALA A 271 14.24 16.34 -2.85
N LEU A 272 15.00 17.01 -2.00
CA LEU A 272 14.60 17.14 -0.60
C LEU A 272 14.30 18.61 -0.31
N GLY A 273 13.03 18.89 -0.04
CA GLY A 273 12.62 20.23 0.32
C GLY A 273 12.30 20.32 1.81
N GLU A 274 11.65 21.42 2.20
CA GLU A 274 11.31 21.65 3.60
C GLU A 274 10.26 20.66 4.10
N GLU A 275 9.38 20.24 3.21
CA GLU A 275 8.23 19.43 3.58
C GLU A 275 8.16 18.12 2.78
N ASP A 276 8.60 18.17 1.53
CA ASP A 276 8.50 17.01 0.65
C ASP A 276 9.84 16.38 0.37
N LEU A 277 9.84 15.06 0.22
CA LEU A 277 10.94 14.36 -0.45
C LEU A 277 10.31 13.79 -1.70
N SER A 278 10.74 14.30 -2.85
CA SER A 278 10.08 13.96 -4.12
C SER A 278 11.02 13.18 -4.99
N ILE A 279 10.52 12.13 -5.64
CA ILE A 279 11.35 11.32 -6.53
C ILE A 279 10.70 11.28 -7.90
N LYS A 280 11.35 11.87 -8.91
CA LYS A 280 10.76 11.90 -10.25
C LYS A 280 11.51 10.97 -11.17
N MET A 281 10.78 10.10 -11.88
CA MET A 281 11.39 9.16 -12.81
C MET A 281 10.93 9.53 -14.22
N SER A 282 11.89 9.91 -15.07
CA SER A 282 11.57 10.43 -16.38
C SER A 282 12.07 9.49 -17.46
N ASP A 283 11.20 9.10 -18.37
CA ASP A 283 11.60 8.25 -19.49
C ASP A 283 11.25 8.88 -20.82
N ARG A 284 11.87 8.38 -21.88
CA ARG A 284 11.55 8.82 -23.23
C ARG A 284 10.96 7.65 -23.97
N GLY A 285 9.99 6.99 -23.34
CA GLY A 285 9.39 5.78 -23.86
C GLY A 285 8.18 5.99 -24.76
N GLY A 286 8.03 7.21 -25.27
CA GLY A 286 7.00 7.50 -26.24
C GLY A 286 5.66 7.96 -25.70
N GLY A 287 5.46 7.80 -24.39
CA GLY A 287 4.28 8.35 -23.72
C GLY A 287 2.97 7.61 -23.95
N VAL A 288 1.92 8.15 -23.35
CA VAL A 288 0.59 7.57 -23.35
C VAL A 288 -0.38 8.76 -23.43
N PRO A 289 -1.44 8.66 -24.25
CA PRO A 289 -2.42 9.75 -24.31
C PRO A 289 -3.11 9.94 -22.95
N LEU A 290 -3.47 11.18 -22.65
CA LEU A 290 -4.04 11.51 -21.34
C LEU A 290 -5.26 10.65 -21.03
N ARG A 291 -6.06 10.39 -22.05
CA ARG A 291 -7.27 9.57 -21.90
C ARG A 291 -7.00 8.23 -21.22
N LYS A 292 -5.81 7.68 -21.45
CA LYS A 292 -5.47 6.36 -20.93
C LYS A 292 -4.77 6.40 -19.57
N ILE A 293 -4.53 7.59 -19.05
CA ILE A 293 -3.81 7.71 -17.77
C ILE A 293 -4.64 7.28 -16.57
N GLU A 294 -5.89 7.76 -16.47
CA GLU A 294 -6.75 7.41 -15.34
C GLU A 294 -6.87 5.91 -15.17
N ARG A 295 -7.00 5.23 -16.31
CA ARG A 295 -7.22 3.80 -16.32
C ARG A 295 -6.04 3.05 -15.75
N LEU A 296 -4.87 3.70 -15.66
CA LEU A 296 -3.72 3.00 -15.12
C LEU A 296 -3.91 2.75 -13.63
N PHE A 297 -4.80 3.52 -13.01
CA PHE A 297 -5.05 3.33 -11.57
C PHE A 297 -6.36 2.60 -11.30
N SER A 298 -6.97 2.10 -12.36
CA SER A 298 -8.26 1.38 -12.25
C SER A 298 -8.05 -0.10 -11.99
N TYR A 299 -8.85 -0.64 -11.06
CA TYR A 299 -8.76 -2.06 -10.76
C TYR A 299 -9.49 -2.84 -11.85
N MET A 300 -10.40 -2.16 -12.54
CA MET A 300 -11.26 -2.81 -13.53
C MET A 300 -10.57 -2.98 -14.87
N TYR A 301 -9.93 -1.90 -15.34
CA TYR A 301 -9.16 -1.97 -16.57
C TYR A 301 -8.10 -3.06 -16.46
N SER A 302 -7.78 -3.44 -15.22
CA SER A 302 -6.92 -4.58 -14.96
C SER A 302 -7.67 -5.65 -14.15
N GLY A 320 -2.34 -7.08 -12.45
CA GLY A 320 -1.95 -5.74 -12.87
C GLY A 320 -2.42 -4.66 -11.92
N TYR A 321 -2.30 -4.91 -10.61
CA TYR A 321 -2.63 -3.92 -9.60
C TYR A 321 -1.38 -3.20 -9.13
N GLY A 322 -0.29 -3.39 -9.87
CA GLY A 322 0.99 -2.80 -9.56
C GLY A 322 0.91 -1.31 -9.28
N LEU A 323 0.37 -0.54 -10.23
CA LEU A 323 0.31 0.92 -10.07
C LEU A 323 -0.66 1.35 -8.97
N PRO A 324 -1.90 0.84 -8.99
CA PRO A 324 -2.77 1.34 -7.90
C PRO A 324 -2.23 1.02 -6.50
N ILE A 325 -1.70 -0.18 -6.29
CA ILE A 325 -1.16 -0.54 -4.98
C ILE A 325 0.08 0.31 -4.65
N SER A 326 0.95 0.54 -5.63
CA SER A 326 2.08 1.43 -5.39
C SER A 326 1.63 2.81 -4.92
N ARG A 327 0.59 3.35 -5.54
CA ARG A 327 0.11 4.68 -5.15
C ARG A 327 -0.47 4.61 -3.72
N LEU A 328 -1.11 3.50 -3.38
CA LEU A 328 -1.57 3.37 -2.00
C LEU A 328 -0.43 3.38 -0.98
N TYR A 329 0.68 2.72 -1.30
CA TYR A 329 1.84 2.78 -0.41
C TYR A 329 2.28 4.22 -0.22
N ALA A 330 2.30 5.00 -1.29
CA ALA A 330 2.70 6.40 -1.17
C ALA A 330 1.72 7.16 -0.30
N LYS A 331 0.43 6.92 -0.52
CA LYS A 331 -0.60 7.64 0.22
C LYS A 331 -0.65 7.25 1.70
N TYR A 332 -0.16 6.06 2.02
CA TYR A 332 -0.28 5.51 3.38
C TYR A 332 0.40 6.40 4.43
N PHE A 333 1.53 7.01 4.09
CA PHE A 333 2.15 7.98 4.99
C PHE A 333 2.04 9.43 4.49
N GLN A 334 0.90 9.76 3.88
CA GLN A 334 0.52 11.13 3.51
C GLN A 334 1.26 11.62 2.26
N GLY A 335 1.71 10.68 1.45
CA GLY A 335 2.38 10.99 0.19
C GLY A 335 1.43 10.75 -0.99
N ASP A 336 1.99 10.59 -2.18
CA ASP A 336 1.18 10.34 -3.37
C ASP A 336 2.09 9.84 -4.48
N LEU A 337 1.51 9.28 -5.53
CA LEU A 337 2.27 8.83 -6.70
C LEU A 337 1.47 9.32 -7.90
N GLN A 338 2.12 10.15 -8.73
CA GLN A 338 1.41 10.82 -9.83
C GLN A 338 2.13 10.58 -11.15
N LEU A 339 1.35 10.46 -12.22
CA LEU A 339 1.92 10.25 -13.56
C LEU A 339 1.54 11.38 -14.47
N PHE A 340 2.50 11.81 -15.27
N PHE A 340 2.49 11.90 -15.22
CA PHE A 340 2.31 12.88 -16.24
CA PHE A 340 2.17 12.84 -16.29
C PHE A 340 3.02 12.45 -17.51
C PHE A 340 3.00 12.54 -17.52
N SER A 341 2.28 12.18 -18.57
CA SER A 341 2.91 11.74 -19.80
C SER A 341 2.84 12.82 -20.88
N MET A 342 3.65 12.66 -21.92
N MET A 342 3.67 12.67 -21.91
CA MET A 342 3.54 13.49 -23.08
CA MET A 342 3.64 13.52 -23.09
C MET A 342 3.54 12.58 -24.28
C MET A 342 3.56 12.58 -24.28
N GLU A 343 2.36 12.38 -24.84
CA GLU A 343 2.20 11.41 -25.93
C GLU A 343 3.09 11.80 -27.10
N GLY A 344 3.91 10.84 -27.53
CA GLY A 344 4.86 11.06 -28.59
C GLY A 344 6.29 11.24 -28.08
N PHE A 345 6.42 11.46 -26.77
CA PHE A 345 7.74 11.72 -26.18
C PHE A 345 8.11 10.78 -25.04
N GLY A 346 7.38 10.82 -23.94
CA GLY A 346 7.76 10.03 -22.79
C GLY A 346 6.90 10.34 -21.59
N THR A 347 7.29 9.80 -20.44
CA THR A 347 6.48 9.90 -19.25
C THR A 347 7.30 10.25 -18.03
N ASP A 348 6.74 11.10 -17.16
CA ASP A 348 7.31 11.37 -15.85
C ASP A 348 6.40 10.76 -14.80
N ALA A 349 6.98 10.03 -13.85
CA ALA A 349 6.23 9.55 -12.70
C ALA A 349 6.88 10.17 -11.47
N VAL A 350 6.05 10.65 -10.54
N VAL A 350 6.06 10.66 -10.54
CA VAL A 350 6.59 11.28 -9.34
CA VAL A 350 6.62 11.27 -9.34
C VAL A 350 6.05 10.61 -8.08
C VAL A 350 6.06 10.66 -8.06
N ILE A 351 6.96 10.26 -7.18
CA ILE A 351 6.58 9.76 -5.85
C ILE A 351 6.78 10.94 -4.90
N TYR A 352 5.70 11.36 -4.24
CA TYR A 352 5.78 12.41 -3.22
C TYR A 352 5.74 11.78 -1.85
N LEU A 353 6.77 12.02 -1.04
CA LEU A 353 6.78 11.53 0.33
C LEU A 353 6.90 12.70 1.28
N LYS A 354 6.47 12.53 2.52
CA LYS A 354 6.74 13.54 3.53
C LYS A 354 8.20 13.45 3.94
N ALA A 355 8.88 14.61 4.00
CA ALA A 355 10.27 14.65 4.40
C ALA A 355 10.46 14.35 5.88
N LEU A 356 9.47 14.70 6.70
CA LEU A 356 9.63 14.64 8.16
C LEU A 356 8.83 13.50 8.78
N SER A 357 9.42 12.79 9.74
CA SER A 357 8.75 11.64 10.33
C SER A 357 7.49 12.06 11.09
N THR A 358 7.48 13.30 11.56
CA THR A 358 6.32 13.84 12.27
C THR A 358 5.13 14.11 11.36
N ASP A 359 5.40 14.36 10.08
CA ASP A 359 4.34 14.56 9.10
C ASP A 359 3.86 13.24 8.49
N SER A 360 4.63 12.18 8.70
CA SER A 360 4.31 10.89 8.10
C SER A 360 3.37 10.12 9.00
N VAL A 361 2.08 10.40 8.83
CA VAL A 361 1.04 9.85 9.70
C VAL A 361 0.23 8.88 8.86
N GLU A 362 -0.11 7.72 9.42
CA GLU A 362 -0.95 6.78 8.71
C GLU A 362 -2.22 7.42 8.15
N ARG A 363 -2.54 7.09 6.91
N ARG A 363 -2.53 7.09 6.90
CA ARG A 363 -3.80 7.48 6.29
CA ARG A 363 -3.79 7.47 6.28
C ARG A 363 -4.74 6.27 6.31
C ARG A 363 -4.74 6.27 6.31
N LEU A 364 -5.74 6.32 7.18
CA LEU A 364 -6.61 5.16 7.40
C LEU A 364 -8.06 5.48 7.09
N PRO A 365 -8.71 4.61 6.31
CA PRO A 365 -10.16 4.77 6.06
C PRO A 365 -10.94 4.48 7.33
N VAL A 366 -12.07 5.15 7.50
N VAL A 366 -12.07 5.15 7.50
CA VAL A 366 -12.93 4.92 8.66
CA VAL A 366 -12.93 4.92 8.66
C VAL A 366 -14.35 4.63 8.21
C VAL A 366 -14.35 4.64 8.22
N TYR A 367 -15.00 3.68 8.88
CA TYR A 367 -16.40 3.40 8.62
C TYR A 367 -17.32 4.36 9.39
N ASN A 368 -18.00 5.23 8.65
CA ASN A 368 -18.99 6.14 9.23
C ASN A 368 -19.99 6.57 8.16
N LYS A 369 -20.86 7.52 8.50
CA LYS A 369 -21.90 8.00 7.60
C LYS A 369 -21.36 8.44 6.24
N SER A 370 -20.32 9.27 6.25
CA SER A 370 -19.74 9.76 5.00
C SER A 370 -19.27 8.59 4.13
N ALA A 371 -18.57 7.65 4.76
CA ALA A 371 -18.17 6.43 4.07
C ALA A 371 -19.41 5.73 3.53
N TRP A 372 -20.34 5.41 4.42
CA TRP A 372 -21.57 4.73 4.04
C TRP A 372 -22.28 5.36 2.82
N ARG A 373 -22.20 6.68 2.68
CA ARG A 373 -22.91 7.40 1.62
C ARG A 373 -22.41 7.08 0.20
N HIS A 374 -21.12 6.83 0.06
CA HIS A 374 -20.51 6.59 -1.25
C HIS A 374 -21.08 5.36 -1.95
N TYR A 375 -21.45 4.35 -1.18
CA TYR A 375 -21.97 3.11 -1.74
C TYR A 375 -23.46 3.26 -2.08
N GLN A 376 -24.00 4.43 -1.78
CA GLN A 376 -25.41 4.71 -2.03
C GLN A 376 -25.56 5.54 -3.31
N THR A 377 -25.32 4.89 -4.44
CA THR A 377 -25.32 5.57 -5.74
C THR A 377 -26.25 4.88 -6.74
N ILE A 378 -26.92 5.67 -7.58
CA ILE A 378 -27.79 5.13 -8.62
C ILE A 378 -27.33 5.47 -10.04
N GLN A 379 -27.89 4.77 -11.02
CA GLN A 379 -27.59 5.00 -12.42
C GLN A 379 -28.43 6.15 -12.98
N GLU A 380 -27.76 7.26 -13.30
CA GLU A 380 -28.43 8.43 -13.86
C GLU A 380 -27.50 9.23 -14.77
N ALA A 381 -28.07 10.13 -15.55
CA ALA A 381 -27.29 11.01 -16.42
C ALA A 381 -26.34 11.87 -15.57
N GLY A 382 -25.10 11.99 -16.03
CA GLY A 382 -24.09 12.76 -15.32
C GLY A 382 -24.35 14.26 -15.37
N ASP A 383 -23.55 15.01 -14.60
CA ASP A 383 -23.72 16.46 -14.49
C ASP A 383 -23.02 17.22 -15.62
N TRP A 384 -22.48 16.48 -16.58
CA TRP A 384 -21.88 17.10 -17.76
C TRP A 384 -22.53 16.58 -19.04
N CYS A 385 -22.55 17.42 -20.08
CA CYS A 385 -23.10 17.03 -21.37
C CYS A 385 -22.26 15.91 -22.01
C6 PV1 B . 4.86 -0.62 -23.36
C5 PV1 B . 4.73 -0.08 -22.08
O1 PV1 B . 4.42 5.71 -21.19
C4 PV1 B . 4.47 1.28 -21.99
C3 PV1 B . 4.36 2.09 -23.19
O3 PV1 B . 5.23 4.41 -15.00
C2 PV1 B . 4.49 1.53 -24.45
O2 PV1 B . 7.02 5.16 -19.42
C1 PV1 B . 4.75 0.16 -24.52
N1 PV1 B . 4.28 3.50 -21.35
C7 PV1 B . 4.09 3.52 -22.82
C8 PV1 B . 4.29 2.14 -20.76
C9 PV1 B . 4.43 4.62 -20.64
BR1 PV1 B . 2.46 3.78 -15.72
C14 PV1 B . 3.83 4.21 -16.95
C13 PV1 B . 5.15 4.49 -16.37
C12 PV1 B . 6.22 4.81 -17.21
C11 PV1 B . 6.00 4.86 -18.57
C15 PV1 B . 3.60 4.26 -18.32
C10 PV1 B . 4.66 4.56 -19.16
O1 TLA C . 6.77 2.41 -33.28
O11 TLA C . 7.17 2.13 -31.19
C1 TLA C . 7.60 2.07 -32.37
C2 TLA C . 9.00 1.59 -32.66
O2 TLA C . 9.64 0.89 -31.63
C3 TLA C . 9.89 2.59 -33.35
O3 TLA C . 9.90 3.86 -32.76
C4 TLA C . 11.23 2.08 -33.80
O4 TLA C . 12.32 2.44 -33.30
O41 TLA C . 11.35 1.23 -34.73
#